data_5NDD
#
_entry.id   5NDD
#
_cell.length_a   37.109
_cell.length_b   62.264
_cell.length_c   87.341
_cell.angle_alpha   104.88
_cell.angle_beta   90.88
_cell.angle_gamma   96.89
#
_symmetry.space_group_name_H-M   'P 1'
#
loop_
_entity.id
_entity.type
_entity.pdbx_description
1 polymer 'Lysozyme,Proteinase-activated receptor 2,Soluble cytochrome b562,Proteinase-activated receptor 2'
2 non-polymer (~{S})-(4-fluoranyl-2-propyl-phenyl)-(1~{H}-imidazol-2-yl)methanol
3 non-polymer 'SODIUM ION'
4 non-polymer 'PHOSPHATE ION'
5 water water
#
_entity_poly.entity_id   1
_entity_poly.type   'polypeptide(L)'
_entity_poly.pdbx_seq_one_letter_code
;MVSAIVLYVLLAAAAHSAFAAASNIFEMLRIDEGLRLKIYKDTEGYYTIGIGHLLTKSPSLNAAKSELDKAIGRNTNGVI
TKDEAEKLFNQDVDAAVRGILRNAKLKPVYDSLDAVRRAALINMVFQMGETGVAGFTNSLRMLQQKRWDEAAVNLAKSRW
YNQTPNRAKRVITTFRTGTWDAYIYEFFSVDEFSASVLTGKLTTVFLPIVYTIVFVVALPSNGMALWVFLFRTKKKAPAV
IYMANLALADLLSVIWFPLKIAYHIHGNNWIYGEALCNVLIGFFYANMYCSILFLTCLSVQRAWEIVNPMGHSRKKANIA
IGISLAIWLLILLVTIPLYVVKQTIFIPALQITTCHDVLPEQLLVGDMFNYFLSLAIGVFLFPAFLTASAYVLMIRALAD
LEDNWETLNDNLKVIEKADNAAQVKDALTKMRAAALDAQKATPPKLEDKSPDSPEMKDFRHGFDILVGQIDDALKLANEG
KVKEAQAAAEQLKTTRNAYIQKYLENSEKKRKRAIKLAVTVAAMYLICFTPSNLLLVVHYFLIKSQGQSHVYALYIVALC
LSTLNSCIDPFVYYFVSHDFRDHAKNALLCRSVRTVKQMQVSLTSKAAAHHHHHHHHHH
;
_entity_poly.pdbx_strand_id   A
#
# COMPACT_ATOMS: atom_id res chain seq x y z
N ALA A 22 22.22 36.43 8.19
CA ALA A 22 22.88 36.63 6.90
C ALA A 22 22.44 37.93 6.24
N SER A 23 23.38 38.59 5.59
CA SER A 23 23.11 39.90 4.98
C SER A 23 23.50 39.89 3.50
N ASN A 24 24.58 39.19 3.17
CA ASN A 24 25.09 39.17 1.81
C ASN A 24 25.80 37.87 1.48
N ILE A 25 26.39 37.81 0.29
CA ILE A 25 27.06 36.61 -0.19
C ILE A 25 28.19 36.18 0.75
N PHE A 26 29.02 37.14 1.17
CA PHE A 26 30.15 36.86 2.07
C PHE A 26 29.67 36.27 3.40
N GLU A 27 28.55 36.77 3.90
CA GLU A 27 28.04 36.30 5.18
C GLU A 27 27.42 34.91 5.05
N MET A 28 26.77 34.69 3.91
CA MET A 28 26.16 33.40 3.61
C MET A 28 27.21 32.29 3.55
N LEU A 29 28.29 32.52 2.82
CA LEU A 29 29.33 31.52 2.62
C LEU A 29 30.02 31.14 3.92
N ARG A 30 30.19 32.10 4.82
CA ARG A 30 30.84 31.86 6.11
C ARG A 30 30.08 30.82 6.92
N ILE A 31 28.76 30.80 6.74
CA ILE A 31 27.90 29.86 7.47
C ILE A 31 27.99 28.46 6.87
N ASP A 32 28.13 28.38 5.55
CA ASP A 32 28.21 27.10 4.86
C ASP A 32 29.60 26.47 4.97
N GLU A 33 30.63 27.29 4.81
CA GLU A 33 32.00 26.80 4.75
C GLU A 33 32.68 26.80 6.11
N GLY A 34 32.19 27.63 7.02
CA GLY A 34 32.81 27.75 8.33
C GLY A 34 34.14 28.47 8.26
N LEU A 35 34.89 28.43 9.35
CA LEU A 35 36.18 29.11 9.41
C LEU A 35 37.20 28.29 10.19
N ARG A 36 38.23 27.81 9.50
CA ARG A 36 39.30 27.04 10.13
C ARG A 36 40.65 27.48 9.60
N LEU A 37 41.59 27.75 10.50
CA LEU A 37 42.89 28.27 10.11
C LEU A 37 43.91 27.17 9.83
N LYS A 38 43.46 25.92 9.90
CA LYS A 38 44.34 24.78 9.62
C LYS A 38 43.79 23.91 8.51
N ILE A 39 44.68 23.23 7.79
CA ILE A 39 44.26 22.37 6.68
C ILE A 39 43.45 21.20 7.20
N TYR A 40 42.24 21.06 6.67
CA TYR A 40 41.35 20.00 7.09
C TYR A 40 40.74 19.27 5.89
N LYS A 41 40.29 18.04 6.12
CA LYS A 41 39.54 17.32 5.11
C LYS A 41 38.07 17.72 5.17
N ASP A 42 37.52 18.11 4.03
CA ASP A 42 36.10 18.48 3.98
C ASP A 42 35.22 17.24 4.09
N THR A 43 33.93 17.40 3.82
CA THR A 43 32.98 16.31 3.94
C THR A 43 33.32 15.14 3.00
N GLU A 44 33.90 15.45 1.85
CA GLU A 44 34.27 14.44 0.87
C GLU A 44 35.69 13.91 1.08
N GLY A 45 36.56 14.76 1.62
CA GLY A 45 37.93 14.36 1.88
C GLY A 45 38.96 15.30 1.29
N TYR A 46 38.50 16.25 0.49
CA TYR A 46 39.39 17.21 -0.14
C TYR A 46 39.99 18.17 0.89
N TYR A 47 41.31 18.31 0.87
CA TYR A 47 42.00 19.19 1.78
C TYR A 47 41.69 20.65 1.47
N THR A 48 41.12 21.35 2.45
CA THR A 48 40.79 22.77 2.30
C THR A 48 41.29 23.56 3.50
N ILE A 49 41.15 24.88 3.43
CA ILE A 49 41.55 25.75 4.53
C ILE A 49 40.83 27.09 4.43
N GLY A 50 40.78 27.81 5.54
CA GLY A 50 40.11 29.10 5.58
C GLY A 50 38.61 28.93 5.47
N ILE A 51 38.00 29.73 4.60
CA ILE A 51 36.57 29.64 4.36
C ILE A 51 36.31 28.99 3.00
N GLY A 52 36.23 27.66 2.99
CA GLY A 52 35.89 26.90 1.81
C GLY A 52 36.85 27.04 0.64
N HIS A 53 38.11 27.31 0.95
CA HIS A 53 39.13 27.43 -0.09
C HIS A 53 39.73 26.07 -0.43
N LEU A 54 39.48 25.59 -1.64
CA LEU A 54 39.97 24.29 -2.07
C LEU A 54 41.45 24.34 -2.45
N LEU A 55 42.23 23.40 -1.92
CA LEU A 55 43.66 23.35 -2.18
C LEU A 55 44.00 22.38 -3.31
N THR A 56 43.67 21.10 -3.12
CA THR A 56 43.92 20.07 -4.12
C THR A 56 42.96 18.90 -3.94
N LYS A 57 42.84 18.06 -4.96
CA LYS A 57 41.95 16.90 -4.89
C LYS A 57 42.69 15.57 -4.88
N SER A 58 43.90 15.57 -4.31
CA SER A 58 44.69 14.35 -4.21
C SER A 58 44.97 13.99 -2.75
N PRO A 59 44.89 12.69 -2.42
CA PRO A 59 45.12 12.21 -1.05
C PRO A 59 46.58 12.35 -0.63
N SER A 60 47.05 13.58 -0.55
CA SER A 60 48.43 13.85 -0.14
C SER A 60 48.50 15.13 0.69
N LEU A 61 48.90 14.99 1.95
CA LEU A 61 48.96 16.13 2.87
C LEU A 61 50.01 17.14 2.43
N ASN A 62 51.06 16.67 1.77
CA ASN A 62 52.12 17.56 1.29
C ASN A 62 51.73 18.26 -0.02
N ALA A 63 50.85 17.62 -0.79
CA ALA A 63 50.38 18.19 -2.05
C ALA A 63 49.45 19.37 -1.79
N ALA A 64 48.78 19.33 -0.63
CA ALA A 64 47.92 20.44 -0.22
C ALA A 64 48.76 21.57 0.37
N LYS A 65 49.91 21.21 0.91
CA LYS A 65 50.83 22.19 1.48
C LYS A 65 51.43 23.08 0.40
N SER A 66 51.81 22.48 -0.72
CA SER A 66 52.44 23.21 -1.82
C SER A 66 51.48 24.20 -2.47
N GLU A 67 50.20 23.83 -2.53
CA GLU A 67 49.18 24.69 -3.14
C GLU A 67 48.78 25.83 -2.21
N LEU A 68 49.07 25.66 -0.92
CA LEU A 68 48.75 26.67 0.08
C LEU A 68 49.85 27.71 0.19
N ASP A 69 51.09 27.26 0.02
CA ASP A 69 52.24 28.14 0.16
C ASP A 69 52.30 29.21 -0.92
N LYS A 70 51.98 28.82 -2.15
CA LYS A 70 51.99 29.75 -3.28
C LYS A 70 50.70 30.54 -3.38
N ALA A 71 49.67 30.09 -2.67
CA ALA A 71 48.40 30.82 -2.63
C ALA A 71 48.52 31.99 -1.66
N ILE A 72 49.22 31.76 -0.55
CA ILE A 72 49.43 32.79 0.45
C ILE A 72 50.63 33.67 0.09
N GLY A 73 51.71 33.03 -0.33
CA GLY A 73 52.93 33.73 -0.67
C GLY A 73 54.08 33.35 0.24
N ARG A 74 53.75 32.76 1.38
CA ARG A 74 54.75 32.35 2.36
C ARG A 74 54.58 30.87 2.70
N ASN A 75 55.41 30.37 3.60
CA ASN A 75 55.28 29.01 4.09
C ASN A 75 54.44 28.98 5.36
N THR A 76 53.14 28.75 5.20
CA THR A 76 52.21 28.77 6.31
C THR A 76 52.40 27.57 7.24
N ASN A 77 53.01 26.52 6.70
CA ASN A 77 53.28 25.29 7.45
C ASN A 77 51.99 24.63 7.94
N GLY A 78 50.91 24.85 7.21
CA GLY A 78 49.64 24.23 7.54
C GLY A 78 48.70 25.14 8.31
N VAL A 79 49.25 26.16 8.96
CA VAL A 79 48.44 27.07 9.77
C VAL A 79 48.51 28.50 9.26
N ILE A 80 47.34 29.05 8.91
CA ILE A 80 47.27 30.43 8.46
C ILE A 80 46.66 31.31 9.54
N THR A 81 46.68 32.63 9.30
CA THR A 81 46.14 33.58 10.27
C THR A 81 44.66 33.86 9.99
N LYS A 82 44.00 34.50 10.94
CA LYS A 82 42.59 34.84 10.80
C LYS A 82 42.41 35.94 9.76
N ASP A 83 43.46 36.72 9.55
CA ASP A 83 43.43 37.81 8.59
C ASP A 83 43.67 37.30 7.17
N GLU A 84 44.54 36.31 7.03
CA GLU A 84 44.87 35.73 5.73
C GLU A 84 43.72 34.91 5.17
N ALA A 85 42.84 34.45 6.06
CA ALA A 85 41.66 33.70 5.63
C ALA A 85 40.71 34.62 4.88
N GLU A 86 40.42 35.78 5.46
CA GLU A 86 39.53 36.76 4.85
C GLU A 86 40.04 37.25 3.50
N LYS A 87 41.33 37.54 3.44
CA LYS A 87 41.96 38.05 2.22
C LYS A 87 41.87 37.04 1.07
N LEU A 88 42.01 35.77 1.41
CA LEU A 88 41.93 34.70 0.43
C LEU A 88 40.48 34.38 0.09
N PHE A 89 39.60 34.51 1.08
CA PHE A 89 38.17 34.29 0.89
C PHE A 89 37.57 35.35 -0.02
N ASN A 90 38.01 36.60 0.17
CA ASN A 90 37.48 37.70 -0.62
C ASN A 90 37.89 37.61 -2.09
N GLN A 91 39.00 36.91 -2.35
CA GLN A 91 39.47 36.73 -3.72
C GLN A 91 38.76 35.56 -4.39
N ASP A 92 38.42 34.54 -3.61
CA ASP A 92 37.70 33.39 -4.12
C ASP A 92 36.30 33.77 -4.59
N VAL A 93 35.71 34.75 -3.91
CA VAL A 93 34.40 35.24 -4.27
C VAL A 93 34.45 36.02 -5.59
N ASP A 94 35.44 36.90 -5.71
CA ASP A 94 35.63 37.69 -6.91
C ASP A 94 35.88 36.82 -8.13
N ALA A 95 36.57 35.70 -7.92
CA ALA A 95 36.85 34.76 -9.00
C ALA A 95 35.61 33.94 -9.35
N ALA A 96 34.81 33.63 -8.34
CA ALA A 96 33.57 32.88 -8.52
C ALA A 96 32.58 33.68 -9.35
N VAL A 97 32.63 35.01 -9.23
CA VAL A 97 31.77 35.88 -10.01
C VAL A 97 32.30 36.04 -11.44
N ARG A 98 33.61 36.17 -11.56
CA ARG A 98 34.24 36.34 -12.87
C ARG A 98 33.95 35.14 -13.77
N GLY A 99 34.02 33.94 -13.20
CA GLY A 99 33.72 32.73 -13.94
C GLY A 99 32.28 32.70 -14.41
N ILE A 100 31.38 33.24 -13.59
CA ILE A 100 29.97 33.28 -13.94
C ILE A 100 29.71 34.11 -15.19
N LEU A 101 30.31 35.29 -15.25
CA LEU A 101 30.13 36.18 -16.39
C LEU A 101 30.90 35.69 -17.61
N ARG A 102 32.01 34.98 -17.36
CA ARG A 102 32.80 34.39 -18.44
C ARG A 102 32.02 33.29 -19.13
N ASN A 103 31.24 32.57 -18.35
CA ASN A 103 30.49 31.42 -18.83
C ASN A 103 29.24 31.83 -19.61
N ALA A 104 29.06 31.23 -20.78
CA ALA A 104 27.94 31.56 -21.65
C ALA A 104 26.63 30.98 -21.11
N LYS A 105 26.75 29.97 -20.25
CA LYS A 105 25.58 29.30 -19.70
C LYS A 105 25.24 29.84 -18.31
N LEU A 106 26.18 30.56 -17.70
CA LEU A 106 25.98 31.09 -16.35
C LEU A 106 25.65 32.58 -16.34
N LYS A 107 26.17 33.31 -17.32
CA LYS A 107 25.95 34.75 -17.39
C LYS A 107 24.48 35.17 -17.56
N PRO A 108 23.75 34.60 -18.55
CA PRO A 108 22.40 35.12 -18.73
C PRO A 108 21.48 34.86 -17.54
N VAL A 109 21.65 33.72 -16.88
CA VAL A 109 20.83 33.38 -15.71
C VAL A 109 21.12 34.35 -14.57
N TYR A 110 22.40 34.57 -14.33
CA TYR A 110 22.89 35.48 -13.30
C TYR A 110 22.40 36.91 -13.50
N ASP A 111 22.29 37.33 -14.75
CA ASP A 111 21.83 38.68 -15.08
C ASP A 111 20.34 38.83 -14.82
N SER A 112 19.64 37.71 -14.73
CA SER A 112 18.21 37.71 -14.52
C SER A 112 17.84 37.59 -13.03
N LEU A 113 18.80 37.12 -12.24
CA LEU A 113 18.54 36.84 -10.84
C LEU A 113 18.70 38.06 -9.94
N ASP A 114 17.80 38.19 -8.96
CA ASP A 114 17.90 39.24 -7.96
C ASP A 114 19.10 38.97 -7.07
N ALA A 115 19.56 40.01 -6.38
CA ALA A 115 20.80 39.95 -5.61
C ALA A 115 20.82 38.81 -4.59
N VAL A 116 19.65 38.48 -4.03
CA VAL A 116 19.57 37.40 -3.07
C VAL A 116 19.82 36.06 -3.75
N ARG A 117 19.17 35.85 -4.89
CA ARG A 117 19.35 34.60 -5.63
C ARG A 117 20.71 34.55 -6.31
N ARG A 118 21.27 35.72 -6.61
CA ARG A 118 22.62 35.80 -7.17
C ARG A 118 23.65 35.20 -6.22
N ALA A 119 23.46 35.44 -4.92
CA ALA A 119 24.33 34.89 -3.90
C ALA A 119 24.22 33.37 -3.88
N ALA A 120 22.99 32.88 -4.04
CA ALA A 120 22.75 31.44 -4.03
C ALA A 120 23.47 30.77 -5.19
N LEU A 121 23.41 31.39 -6.36
CA LEU A 121 24.13 30.89 -7.53
C LEU A 121 25.64 30.91 -7.28
N ILE A 122 26.15 32.02 -6.74
CA ILE A 122 27.58 32.14 -6.44
C ILE A 122 28.00 31.12 -5.39
N ASN A 123 27.09 30.80 -4.48
CA ASN A 123 27.35 29.82 -3.44
C ASN A 123 27.62 28.45 -4.07
N MET A 124 26.87 28.14 -5.11
CA MET A 124 27.04 26.87 -5.82
C MET A 124 28.37 26.84 -6.56
N VAL A 125 28.68 27.94 -7.23
CA VAL A 125 29.93 28.05 -7.97
C VAL A 125 31.12 28.01 -7.01
N PHE A 126 30.93 28.57 -5.81
CA PHE A 126 31.96 28.54 -4.79
C PHE A 126 32.24 27.11 -4.32
N GLN A 127 31.22 26.26 -4.40
CA GLN A 127 31.32 24.90 -3.91
C GLN A 127 31.71 23.89 -5.00
N MET A 128 31.03 23.99 -6.15
CA MET A 128 31.20 23.00 -7.21
C MET A 128 31.99 23.55 -8.40
N GLY A 129 32.44 24.79 -8.30
CA GLY A 129 33.18 25.41 -9.38
C GLY A 129 32.28 25.86 -10.50
N GLU A 130 32.83 26.68 -11.40
CA GLU A 130 32.09 27.20 -12.54
C GLU A 130 31.52 26.10 -13.44
N THR A 131 32.37 25.16 -13.82
CA THR A 131 31.98 24.09 -14.75
C THR A 131 30.86 23.22 -14.18
N GLY A 132 31.01 22.84 -12.91
CA GLY A 132 30.01 22.01 -12.24
C GLY A 132 28.60 22.56 -12.28
N VAL A 133 28.45 23.83 -11.92
CA VAL A 133 27.14 24.47 -11.90
C VAL A 133 26.57 24.59 -13.31
N ALA A 134 27.47 24.75 -14.30
CA ALA A 134 27.06 24.87 -15.69
C ALA A 134 26.40 23.59 -16.21
N GLY A 135 26.57 22.49 -15.47
CA GLY A 135 25.97 21.22 -15.84
C GLY A 135 24.48 21.19 -15.59
N PHE A 136 24.01 22.02 -14.66
CA PHE A 136 22.59 22.10 -14.35
C PHE A 136 21.87 22.95 -15.39
N THR A 137 21.87 22.48 -16.63
CA THR A 137 21.30 23.24 -17.74
C THR A 137 19.80 23.47 -17.59
N ASN A 138 19.09 22.43 -17.16
CA ASN A 138 17.62 22.50 -17.07
C ASN A 138 17.15 23.38 -15.94
N SER A 139 17.81 23.27 -14.79
CA SER A 139 17.48 24.07 -13.62
C SER A 139 17.79 25.55 -13.86
N LEU A 140 18.90 25.82 -14.53
CA LEU A 140 19.29 27.19 -14.85
C LEU A 140 18.26 27.85 -15.76
N ARG A 141 17.67 27.05 -16.64
CA ARG A 141 16.63 27.55 -17.54
C ARG A 141 15.37 27.88 -16.75
N MET A 142 15.09 27.08 -15.73
CA MET A 142 13.93 27.31 -14.88
C MET A 142 14.13 28.56 -14.03
N LEU A 143 15.33 28.71 -13.48
CA LEU A 143 15.66 29.88 -12.67
C LEU A 143 15.59 31.16 -13.50
N GLN A 144 15.98 31.05 -14.76
CA GLN A 144 15.92 32.18 -15.69
C GLN A 144 14.47 32.53 -16.03
N GLN A 145 13.60 31.52 -16.06
CA GLN A 145 12.20 31.74 -16.38
C GLN A 145 11.37 32.02 -15.13
N LYS A 146 12.07 32.28 -14.02
CA LYS A 146 11.46 32.64 -12.74
C LYS A 146 10.55 31.53 -12.20
N ARG A 147 10.84 30.28 -12.57
CA ARG A 147 10.09 29.13 -12.08
C ARG A 147 10.78 28.51 -10.88
N TRP A 148 10.60 29.11 -9.71
CA TRP A 148 11.38 28.78 -8.52
C TRP A 148 11.08 27.39 -7.95
N ASP A 149 9.80 27.01 -7.96
CA ASP A 149 9.40 25.72 -7.41
C ASP A 149 9.93 24.55 -8.23
N GLU A 150 9.74 24.63 -9.56
CA GLU A 150 10.21 23.57 -10.46
C GLU A 150 11.73 23.42 -10.41
N ALA A 151 12.42 24.55 -10.37
CA ALA A 151 13.87 24.56 -10.28
C ALA A 151 14.33 23.92 -8.98
N ALA A 152 13.61 24.23 -7.90
CA ALA A 152 13.91 23.68 -6.59
C ALA A 152 13.81 22.16 -6.57
N VAL A 153 12.78 21.63 -7.21
CA VAL A 153 12.56 20.19 -7.27
C VAL A 153 13.65 19.50 -8.09
N ASN A 154 13.99 20.08 -9.23
CA ASN A 154 15.05 19.55 -10.08
C ASN A 154 16.39 19.45 -9.37
N LEU A 155 16.72 20.49 -8.59
CA LEU A 155 17.98 20.53 -7.87
C LEU A 155 17.99 19.56 -6.70
N ALA A 156 16.80 19.25 -6.21
CA ALA A 156 16.66 18.38 -5.06
C ALA A 156 17.04 16.94 -5.41
N LYS A 157 16.96 16.61 -6.69
CA LYS A 157 17.38 15.29 -7.15
C LYS A 157 18.68 15.38 -7.93
N SER A 158 19.79 15.35 -7.20
CA SER A 158 21.12 15.40 -7.80
C SER A 158 22.15 14.93 -6.79
N ARG A 159 23.36 14.63 -7.26
CA ARG A 159 24.43 14.21 -6.37
C ARG A 159 24.75 15.33 -5.38
N TRP A 160 24.59 16.58 -5.82
CA TRP A 160 24.76 17.75 -4.98
C TRP A 160 23.91 17.62 -3.72
N TYR A 161 22.64 17.30 -3.91
CA TYR A 161 21.72 17.10 -2.79
C TYR A 161 22.06 15.85 -1.98
N ASN A 162 22.49 14.80 -2.67
CA ASN A 162 22.82 13.54 -2.00
C ASN A 162 24.02 13.65 -1.07
N GLN A 163 25.08 14.30 -1.56
CA GLN A 163 26.32 14.42 -0.79
C GLN A 163 26.19 15.46 0.32
N THR A 164 25.61 16.61 0.00
CA THR A 164 25.42 17.67 0.97
C THR A 164 23.97 18.17 0.97
N PRO A 165 23.08 17.45 1.67
CA PRO A 165 21.65 17.78 1.71
C PRO A 165 21.34 19.06 2.48
N ASN A 166 21.81 19.18 3.72
CA ASN A 166 21.58 20.38 4.51
C ASN A 166 22.12 21.63 3.83
N ARG A 167 23.28 21.49 3.20
CA ARG A 167 23.89 22.59 2.45
C ARG A 167 23.04 22.95 1.24
N ALA A 168 22.64 21.95 0.46
CA ALA A 168 21.86 22.19 -0.75
C ALA A 168 20.46 22.74 -0.44
N LYS A 169 19.86 22.28 0.64
CA LYS A 169 18.53 22.75 1.05
C LYS A 169 18.51 24.26 1.27
N ARG A 170 19.51 24.77 1.98
CA ARG A 170 19.59 26.20 2.29
C ARG A 170 19.72 27.04 1.03
N VAL A 171 20.56 26.59 0.11
CA VAL A 171 20.75 27.26 -1.17
C VAL A 171 19.48 27.16 -2.02
N ILE A 172 18.88 25.98 -2.06
CA ILE A 172 17.68 25.76 -2.86
C ILE A 172 16.54 26.62 -2.34
N THR A 173 16.40 26.70 -1.02
CA THR A 173 15.38 27.55 -0.39
C THR A 173 15.57 29.02 -0.77
N THR A 174 16.83 29.44 -0.84
CA THR A 174 17.16 30.80 -1.26
C THR A 174 16.65 31.07 -2.66
N PHE A 175 16.82 30.10 -3.56
CA PHE A 175 16.29 30.21 -4.91
C PHE A 175 14.76 30.30 -4.87
N ARG A 176 14.16 29.37 -4.15
CA ARG A 176 12.70 29.25 -4.11
C ARG A 176 12.05 30.48 -3.45
N THR A 177 12.61 30.94 -2.33
CA THR A 177 11.99 32.02 -1.56
C THR A 177 12.53 33.42 -1.87
N GLY A 178 13.79 33.49 -2.31
CA GLY A 178 14.41 34.77 -2.63
C GLY A 178 14.76 35.59 -1.41
N THR A 179 14.78 34.94 -0.24
CA THR A 179 15.12 35.61 1.01
C THR A 179 16.31 34.96 1.68
N TRP A 180 16.80 35.59 2.75
CA TRP A 180 17.94 35.07 3.52
C TRP A 180 17.48 34.18 4.67
N ASP A 181 16.21 33.81 4.66
CA ASP A 181 15.61 33.07 5.75
C ASP A 181 16.31 31.74 6.03
N ALA A 182 16.90 31.15 4.99
CA ALA A 182 17.53 29.84 5.11
C ALA A 182 18.80 29.91 5.95
N TYR A 183 19.32 31.11 6.15
CA TYR A 183 20.56 31.29 6.90
C TYR A 183 20.32 32.08 8.19
N ILE A 184 19.12 32.62 8.33
CA ILE A 184 18.74 33.34 9.54
C ILE A 184 18.05 32.40 10.53
N TYR A 185 17.21 31.53 10.00
CA TYR A 185 16.41 30.63 10.83
C TYR A 185 16.65 29.16 10.48
N GLU A 186 17.21 28.44 11.44
CA GLU A 186 17.42 27.00 11.30
C GLU A 186 16.12 26.27 11.62
N PHE A 187 15.93 25.08 11.04
CA PHE A 187 14.68 24.35 11.23
C PHE A 187 14.44 24.04 12.71
N PHE A 188 13.21 24.27 13.16
CA PHE A 188 12.89 24.11 14.57
C PHE A 188 11.63 23.25 14.78
N SER A 189 10.60 23.47 13.97
CA SER A 189 9.37 22.71 14.12
C SER A 189 8.52 22.64 12.86
N VAL A 190 7.53 21.76 12.90
CA VAL A 190 6.55 21.61 11.84
C VAL A 190 5.45 22.62 12.03
N ASP A 191 4.36 22.49 11.27
CA ASP A 191 3.24 23.40 11.42
C ASP A 191 2.60 23.18 12.78
N GLU A 192 1.85 24.17 13.25
CA GLU A 192 1.29 24.12 14.60
C GLU A 192 0.29 22.99 14.74
N PHE A 193 -0.50 22.77 13.71
CA PHE A 193 -1.54 21.75 13.75
C PHE A 193 -0.94 20.36 13.86
N SER A 194 0.20 20.15 13.22
CA SER A 194 0.90 18.88 13.29
C SER A 194 1.56 18.70 14.65
N ALA A 195 2.20 19.75 15.14
CA ALA A 195 2.92 19.70 16.40
C ALA A 195 2.00 19.41 17.60
N SER A 196 0.74 19.83 17.49
CA SER A 196 -0.23 19.56 18.55
C SER A 196 -0.69 18.11 18.51
N VAL A 197 -0.86 17.59 17.30
CA VAL A 197 -1.23 16.20 17.10
C VAL A 197 -0.11 15.27 17.56
N LEU A 198 1.13 15.65 17.25
CA LEU A 198 2.30 14.84 17.59
C LEU A 198 2.63 14.90 19.08
N THR A 199 1.90 15.71 19.83
CA THR A 199 2.10 15.80 21.28
C THR A 199 0.81 15.48 21.99
N GLY A 200 -0.27 15.36 21.22
CA GLY A 200 -1.58 15.03 21.76
C GLY A 200 -1.75 13.57 22.13
N LYS A 201 -2.85 13.28 22.82
CA LYS A 201 -3.13 11.94 23.31
C LYS A 201 -3.65 11.03 22.21
N LEU A 202 -4.15 11.64 21.14
CA LEU A 202 -4.60 10.89 19.97
C LEU A 202 -3.51 9.96 19.45
N THR A 203 -2.28 10.45 19.40
CA THR A 203 -1.17 9.65 18.89
C THR A 203 -0.47 8.88 19.99
N THR A 204 -0.42 9.48 21.18
CA THR A 204 0.36 8.93 22.29
C THR A 204 -0.43 8.01 23.23
N VAL A 205 -1.74 7.97 23.06
CA VAL A 205 -2.58 7.14 23.91
C VAL A 205 -3.58 6.30 23.13
N PHE A 206 -4.32 6.92 22.21
CA PHE A 206 -5.31 6.20 21.44
C PHE A 206 -4.65 5.18 20.52
N LEU A 207 -3.65 5.63 19.76
CA LEU A 207 -2.98 4.75 18.82
C LEU A 207 -2.33 3.53 19.48
N PRO A 208 -1.47 3.72 20.51
CA PRO A 208 -0.84 2.51 21.05
C PRO A 208 -1.83 1.52 21.65
N ILE A 209 -2.98 2.00 22.11
CA ILE A 209 -4.00 1.10 22.63
C ILE A 209 -4.59 0.25 21.52
N VAL A 210 -5.05 0.90 20.46
CA VAL A 210 -5.64 0.21 19.33
C VAL A 210 -4.63 -0.75 18.70
N TYR A 211 -3.39 -0.29 18.52
CA TYR A 211 -2.32 -1.12 17.99
C TYR A 211 -2.02 -2.33 18.87
N THR A 212 -2.05 -2.13 20.19
CA THR A 212 -1.85 -3.21 21.14
C THR A 212 -2.93 -4.27 21.00
N ILE A 213 -4.18 -3.82 20.91
CA ILE A 213 -5.31 -4.71 20.70
C ILE A 213 -5.09 -5.55 19.44
N VAL A 214 -4.76 -4.88 18.35
CA VAL A 214 -4.51 -5.56 17.08
C VAL A 214 -3.41 -6.60 17.24
N PHE A 215 -2.38 -6.26 18.01
CA PHE A 215 -1.28 -7.18 18.22
C PHE A 215 -1.75 -8.45 18.93
N VAL A 216 -2.50 -8.27 20.02
CA VAL A 216 -3.00 -9.39 20.79
C VAL A 216 -4.00 -10.23 19.99
N VAL A 217 -4.85 -9.58 19.22
CA VAL A 217 -5.89 -10.28 18.46
C VAL A 217 -5.41 -10.85 17.13
N ALA A 218 -4.71 -10.05 16.33
CA ALA A 218 -4.37 -10.46 14.96
C ALA A 218 -3.20 -11.44 14.87
N LEU A 219 -2.23 -11.32 15.77
CA LEU A 219 -1.03 -12.15 15.68
C LEU A 219 -1.33 -13.64 15.86
N PRO A 220 -1.99 -14.04 16.96
CA PRO A 220 -2.19 -15.49 17.10
C PRO A 220 -3.28 -16.03 16.19
N SER A 221 -4.27 -15.20 15.86
CA SER A 221 -5.35 -15.63 14.97
C SER A 221 -4.83 -15.95 13.56
N ASN A 222 -4.07 -15.02 12.99
CA ASN A 222 -3.44 -15.27 11.69
C ASN A 222 -2.31 -16.27 11.80
N GLY A 223 -1.72 -16.35 12.99
CA GLY A 223 -0.65 -17.29 13.26
C GLY A 223 -1.17 -18.71 13.15
N MET A 224 -2.37 -18.93 13.70
CA MET A 224 -3.00 -20.24 13.66
C MET A 224 -3.55 -20.52 12.27
N ALA A 225 -4.09 -19.48 11.64
CA ALA A 225 -4.64 -19.60 10.29
C ALA A 225 -3.56 -20.01 9.30
N LEU A 226 -2.40 -19.39 9.40
CA LEU A 226 -1.27 -19.71 8.54
C LEU A 226 -0.82 -21.16 8.78
N TRP A 227 -0.93 -21.59 10.03
CA TRP A 227 -0.56 -22.96 10.40
C TRP A 227 -1.53 -23.96 9.78
N VAL A 228 -2.81 -23.63 9.83
CA VAL A 228 -3.85 -24.50 9.29
C VAL A 228 -3.73 -24.64 7.78
N PHE A 229 -3.48 -23.52 7.10
CA PHE A 229 -3.40 -23.52 5.64
C PHE A 229 -2.17 -24.30 5.14
N LEU A 230 -1.14 -24.36 5.98
CA LEU A 230 0.10 -25.04 5.60
C LEU A 230 0.16 -26.49 6.05
N PHE A 231 -0.25 -26.74 7.30
CA PHE A 231 -0.02 -28.04 7.92
C PHE A 231 -1.29 -28.78 8.35
N ARG A 232 -2.46 -28.22 8.02
CA ARG A 232 -3.73 -28.85 8.39
C ARG A 232 -4.72 -28.91 7.23
N THR A 233 -4.50 -28.07 6.22
CA THR A 233 -5.34 -28.12 5.03
C THR A 233 -4.71 -29.05 4.01
N LYS A 234 -5.36 -30.17 3.76
CA LYS A 234 -4.88 -31.16 2.80
C LYS A 234 -5.67 -31.10 1.51
N LYS A 235 -6.35 -29.97 1.29
CA LYS A 235 -7.05 -29.73 0.04
C LYS A 235 -6.15 -28.98 -0.93
N LYS A 236 -5.49 -27.94 -0.41
CA LYS A 236 -4.59 -27.10 -1.20
C LYS A 236 -5.27 -26.52 -2.43
N ALA A 237 -6.44 -25.93 -2.22
CA ALA A 237 -7.16 -25.25 -3.29
C ALA A 237 -6.61 -23.82 -3.42
N PRO A 238 -6.82 -23.18 -4.59
CA PRO A 238 -6.39 -21.80 -4.80
C PRO A 238 -6.88 -20.80 -3.75
N ALA A 239 -8.00 -21.11 -3.08
CA ALA A 239 -8.53 -20.22 -2.06
C ALA A 239 -7.66 -20.24 -0.81
N VAL A 240 -7.18 -21.44 -0.47
CA VAL A 240 -6.30 -21.61 0.69
C VAL A 240 -5.00 -20.84 0.52
N ILE A 241 -4.47 -20.86 -0.70
CA ILE A 241 -3.20 -20.23 -1.00
C ILE A 241 -3.28 -18.71 -0.86
N TYR A 242 -4.35 -18.13 -1.41
CA TYR A 242 -4.57 -16.70 -1.28
C TYR A 242 -4.72 -16.30 0.18
N MET A 243 -5.47 -17.09 0.93
CA MET A 243 -5.68 -16.81 2.35
C MET A 243 -4.39 -16.99 3.16
N ALA A 244 -3.50 -17.85 2.69
CA ALA A 244 -2.23 -18.07 3.36
C ALA A 244 -1.33 -16.84 3.25
N ASN A 245 -1.33 -16.21 2.08
CA ASN A 245 -0.56 -15.00 1.87
C ASN A 245 -1.20 -13.82 2.58
N LEU A 246 -2.52 -13.83 2.62
CA LEU A 246 -3.29 -12.84 3.36
C LEU A 246 -2.87 -12.87 4.82
N ALA A 247 -2.85 -14.07 5.39
CA ALA A 247 -2.39 -14.26 6.76
C ALA A 247 -0.92 -13.88 6.89
N LEU A 248 -0.15 -14.15 5.84
CA LEU A 248 1.28 -13.84 5.85
C LEU A 248 1.51 -12.33 5.81
N ALA A 249 0.76 -11.65 4.96
CA ALA A 249 0.79 -10.19 4.90
C ALA A 249 0.44 -9.59 6.25
N ASP A 250 -0.54 -10.19 6.92
CA ASP A 250 -0.95 -9.75 8.26
C ASP A 250 0.19 -9.90 9.25
N LEU A 251 0.77 -11.08 9.28
CA LEU A 251 1.80 -11.43 10.26
C LEU A 251 3.03 -10.55 10.08
N LEU A 252 3.45 -10.40 8.84
CA LEU A 252 4.66 -9.65 8.52
C LEU A 252 4.56 -8.17 8.88
N SER A 253 3.37 -7.72 9.28
CA SER A 253 3.22 -6.35 9.73
C SER A 253 2.99 -6.25 11.24
N VAL A 254 2.21 -7.18 11.79
CA VAL A 254 1.84 -7.13 13.19
C VAL A 254 3.04 -7.46 14.10
N ILE A 255 3.99 -8.21 13.59
CA ILE A 255 5.16 -8.59 14.38
C ILE A 255 6.01 -7.36 14.73
N TRP A 256 5.93 -6.34 13.91
CA TRP A 256 6.70 -5.12 14.15
C TRP A 256 5.98 -4.14 15.09
N PHE A 257 4.74 -4.48 15.46
CA PHE A 257 3.92 -3.59 16.29
C PHE A 257 4.47 -3.27 17.69
N PRO A 258 5.16 -4.21 18.36
CA PRO A 258 5.78 -3.84 19.64
C PRO A 258 6.72 -2.63 19.54
N LEU A 259 7.42 -2.49 18.43
CA LEU A 259 8.24 -1.31 18.20
C LEU A 259 7.34 -0.16 17.78
N LYS A 260 6.22 -0.49 17.16
CA LYS A 260 5.28 0.52 16.70
C LYS A 260 4.53 1.12 17.88
N ILE A 261 4.14 0.27 18.82
CA ILE A 261 3.46 0.73 20.03
C ILE A 261 4.39 1.59 20.89
N ALA A 262 5.61 1.08 21.13
CA ALA A 262 6.60 1.80 21.92
C ALA A 262 6.89 3.18 21.36
N TYR A 263 6.89 3.27 20.04
CA TYR A 263 7.14 4.52 19.31
C TYR A 263 6.18 5.63 19.73
N HIS A 264 4.88 5.32 19.75
CA HIS A 264 3.84 6.29 20.03
C HIS A 264 3.75 6.62 21.52
N ILE A 265 3.92 5.60 22.36
CA ILE A 265 3.85 5.77 23.81
C ILE A 265 4.87 6.81 24.28
N HIS A 266 6.02 6.83 23.63
CA HIS A 266 7.09 7.76 23.98
C HIS A 266 7.03 9.02 23.13
N GLY A 267 5.82 9.44 22.79
CA GLY A 267 5.61 10.72 22.12
C GLY A 267 6.09 10.79 20.69
N ASN A 268 5.87 9.71 19.94
CA ASN A 268 6.23 9.65 18.52
C ASN A 268 7.72 9.91 18.29
N ASN A 269 8.55 9.08 18.93
CA ASN A 269 9.99 9.28 18.88
C ASN A 269 10.71 7.97 18.53
N TRP A 270 11.34 7.95 17.36
CA TRP A 270 11.97 6.74 16.87
C TRP A 270 13.47 6.74 17.12
N ILE A 271 13.95 5.69 17.77
CA ILE A 271 15.35 5.60 18.18
C ILE A 271 15.96 4.28 17.77
N TYR A 272 15.38 3.65 16.75
CA TYR A 272 15.83 2.31 16.33
C TYR A 272 16.54 2.33 14.98
N GLY A 273 16.59 3.50 14.36
CA GLY A 273 17.32 3.66 13.11
C GLY A 273 16.44 3.91 11.89
N GLU A 274 17.03 4.52 10.87
CA GLU A 274 16.31 4.86 9.64
C GLU A 274 15.90 3.63 8.85
N ALA A 275 16.80 2.66 8.78
CA ALA A 275 16.55 1.44 8.02
C ALA A 275 15.39 0.66 8.63
N LEU A 276 15.34 0.60 9.95
CA LEU A 276 14.33 -0.19 10.65
C LEU A 276 12.97 0.51 10.59
N CYS A 277 13.01 1.83 10.46
CA CYS A 277 11.82 2.63 10.23
C CYS A 277 11.20 2.28 8.88
N ASN A 278 12.05 2.26 7.85
CA ASN A 278 11.60 1.98 6.50
C ASN A 278 11.12 0.55 6.32
N VAL A 279 11.56 -0.34 7.21
CA VAL A 279 11.06 -1.71 7.25
C VAL A 279 9.58 -1.71 7.64
N LEU A 280 9.29 -1.08 8.78
CA LEU A 280 7.93 -0.98 9.27
C LEU A 280 7.03 -0.29 8.25
N ILE A 281 7.53 0.80 7.68
CA ILE A 281 6.79 1.53 6.65
C ILE A 281 6.51 0.64 5.45
N GLY A 282 7.52 -0.12 5.03
CA GLY A 282 7.38 -1.01 3.90
C GLY A 282 6.32 -2.07 4.13
N PHE A 283 6.42 -2.79 5.23
CA PHE A 283 5.49 -3.88 5.53
C PHE A 283 4.11 -3.36 5.88
N PHE A 284 4.02 -2.09 6.26
CA PHE A 284 2.73 -1.49 6.53
C PHE A 284 1.94 -1.35 5.23
N TYR A 285 2.54 -0.65 4.27
CA TYR A 285 1.90 -0.44 2.98
C TYR A 285 1.81 -1.74 2.18
N ALA A 286 2.73 -2.65 2.45
CA ALA A 286 2.67 -3.98 1.83
C ALA A 286 1.38 -4.69 2.21
N ASN A 287 1.14 -4.84 3.51
CA ASN A 287 -0.09 -5.46 3.99
C ASN A 287 -1.33 -4.69 3.54
N MET A 288 -1.17 -3.37 3.46
CA MET A 288 -2.25 -2.52 2.98
C MET A 288 -2.69 -2.94 1.58
N TYR A 289 -1.72 -3.16 0.70
CA TYR A 289 -2.04 -3.45 -0.69
C TYR A 289 -2.09 -4.93 -1.03
N CYS A 290 -1.32 -5.75 -0.30
CA CYS A 290 -1.42 -7.19 -0.48
C CYS A 290 -2.81 -7.65 -0.11
N SER A 291 -3.34 -7.12 0.99
CA SER A 291 -4.68 -7.47 1.47
C SER A 291 -5.75 -7.23 0.43
N ILE A 292 -5.73 -6.05 -0.20
CA ILE A 292 -6.69 -5.73 -1.23
C ILE A 292 -6.57 -6.68 -2.42
N LEU A 293 -5.34 -6.87 -2.91
CA LEU A 293 -5.10 -7.70 -4.07
C LEU A 293 -5.43 -9.17 -3.79
N PHE A 294 -5.06 -9.65 -2.61
CA PHE A 294 -5.35 -11.04 -2.25
C PHE A 294 -6.83 -11.23 -1.90
N LEU A 295 -7.52 -10.15 -1.53
CA LEU A 295 -8.96 -10.21 -1.36
C LEU A 295 -9.63 -10.31 -2.72
N THR A 296 -9.10 -9.58 -3.69
CA THR A 296 -9.66 -9.58 -5.04
C THR A 296 -9.47 -10.95 -5.67
N CYS A 297 -8.30 -11.55 -5.46
CA CYS A 297 -8.03 -12.89 -5.97
C CYS A 297 -9.00 -13.90 -5.37
N LEU A 298 -9.06 -13.95 -4.05
CA LEU A 298 -9.92 -14.87 -3.32
C LEU A 298 -11.39 -14.76 -3.72
N SER A 299 -11.91 -13.53 -3.73
CA SER A 299 -13.31 -13.28 -4.06
C SER A 299 -13.64 -13.68 -5.49
N VAL A 300 -12.76 -13.34 -6.42
CA VAL A 300 -12.97 -13.66 -7.82
C VAL A 300 -12.87 -15.17 -8.05
N GLN A 301 -11.82 -15.77 -7.49
CA GLN A 301 -11.62 -17.21 -7.55
C GLN A 301 -12.84 -17.99 -7.06
N ARG A 302 -13.34 -17.64 -5.88
CA ARG A 302 -14.48 -18.35 -5.31
C ARG A 302 -15.76 -18.11 -6.11
N ALA A 303 -15.88 -16.92 -6.68
CA ALA A 303 -17.01 -16.61 -7.55
C ALA A 303 -16.88 -17.37 -8.87
N TRP A 304 -15.64 -17.52 -9.33
CA TRP A 304 -15.36 -18.17 -10.60
C TRP A 304 -15.58 -19.68 -10.54
N GLU A 305 -15.44 -20.26 -9.35
CA GLU A 305 -15.66 -21.69 -9.17
C GLU A 305 -17.15 -22.03 -9.15
N ILE A 306 -17.98 -20.99 -9.13
CA ILE A 306 -19.43 -21.17 -9.09
C ILE A 306 -20.07 -20.92 -10.46
N VAL A 307 -19.66 -19.83 -11.10
CA VAL A 307 -20.16 -19.50 -12.43
C VAL A 307 -19.60 -20.47 -13.48
N ASN A 308 -18.27 -20.56 -13.55
CA ASN A 308 -17.61 -21.47 -14.49
C ASN A 308 -16.51 -22.31 -13.83
N PRO A 309 -16.91 -23.36 -13.09
CA PRO A 309 -15.97 -24.26 -12.41
C PRO A 309 -15.11 -25.10 -13.36
N MET A 310 -13.87 -25.37 -12.95
CA MET A 310 -12.98 -26.24 -13.70
C MET A 310 -12.51 -27.39 -12.81
N GLY A 311 -11.63 -28.23 -13.34
CA GLY A 311 -11.22 -29.44 -12.64
C GLY A 311 -9.74 -29.75 -12.72
N HIS A 312 -8.90 -28.80 -12.30
CA HIS A 312 -7.47 -29.02 -12.20
C HIS A 312 -6.98 -28.49 -10.86
N SER A 313 -7.47 -29.08 -9.77
CA SER A 313 -7.20 -28.57 -8.43
C SER A 313 -5.72 -28.52 -8.09
N ARG A 314 -4.91 -29.32 -8.79
CA ARG A 314 -3.48 -29.33 -8.57
C ARG A 314 -2.78 -28.27 -9.42
N LYS A 315 -3.26 -28.10 -10.65
CA LYS A 315 -2.69 -27.11 -11.56
C LYS A 315 -3.14 -25.71 -11.16
N LYS A 316 -4.43 -25.57 -10.87
CA LYS A 316 -5.00 -24.29 -10.44
C LYS A 316 -4.32 -23.80 -9.16
N ALA A 317 -3.81 -24.74 -8.37
CA ALA A 317 -3.08 -24.40 -7.16
C ALA A 317 -1.72 -23.81 -7.51
N ASN A 318 -0.98 -24.52 -8.37
CA ASN A 318 0.32 -24.04 -8.81
C ASN A 318 0.22 -22.66 -9.43
N ILE A 319 -0.82 -22.45 -10.24
CA ILE A 319 -1.09 -21.14 -10.82
C ILE A 319 -1.29 -20.07 -9.76
N ALA A 320 -2.10 -20.38 -8.75
CA ALA A 320 -2.39 -19.44 -7.68
C ALA A 320 -1.14 -19.07 -6.87
N ILE A 321 -0.21 -20.01 -6.76
CA ILE A 321 1.05 -19.74 -6.08
C ILE A 321 1.88 -18.75 -6.89
N GLY A 322 2.01 -19.00 -8.18
CA GLY A 322 2.74 -18.10 -9.06
C GLY A 322 2.17 -16.70 -9.07
N ILE A 323 0.85 -16.61 -9.02
CA ILE A 323 0.17 -15.32 -8.96
C ILE A 323 0.54 -14.58 -7.69
N SER A 324 0.65 -15.33 -6.59
CA SER A 324 1.00 -14.76 -5.30
C SER A 324 2.43 -14.21 -5.31
N LEU A 325 3.35 -14.97 -5.90
CA LEU A 325 4.72 -14.52 -6.07
C LEU A 325 4.74 -13.25 -6.91
N ALA A 326 3.94 -13.24 -7.97
CA ALA A 326 3.86 -12.09 -8.86
C ALA A 326 3.38 -10.86 -8.09
N ILE A 327 2.35 -11.05 -7.28
CA ILE A 327 1.82 -9.98 -6.46
C ILE A 327 2.83 -9.49 -5.44
N TRP A 328 3.51 -10.42 -4.76
CA TRP A 328 4.51 -10.06 -3.76
C TRP A 328 5.65 -9.23 -4.35
N LEU A 329 6.12 -9.61 -5.54
CA LEU A 329 7.23 -8.90 -6.16
C LEU A 329 6.79 -7.57 -6.75
N LEU A 330 5.56 -7.50 -7.24
CA LEU A 330 5.04 -6.27 -7.81
C LEU A 330 4.87 -5.21 -6.74
N ILE A 331 4.54 -5.64 -5.53
CA ILE A 331 4.37 -4.71 -4.42
C ILE A 331 5.72 -4.34 -3.82
N LEU A 332 6.66 -5.29 -3.81
CA LEU A 332 8.02 -5.00 -3.39
C LEU A 332 8.64 -3.93 -4.30
N LEU A 333 8.26 -3.95 -5.57
CA LEU A 333 8.76 -3.00 -6.54
C LEU A 333 8.03 -1.66 -6.46
N VAL A 334 6.73 -1.71 -6.13
CA VAL A 334 5.91 -0.50 -6.12
C VAL A 334 6.10 0.29 -4.81
N THR A 335 6.59 -0.38 -3.78
CA THR A 335 6.85 0.28 -2.50
C THR A 335 8.30 0.75 -2.41
N ILE A 336 9.00 0.72 -3.53
CA ILE A 336 10.38 1.19 -3.57
C ILE A 336 10.51 2.66 -3.17
N PRO A 337 9.66 3.56 -3.71
CA PRO A 337 9.80 4.96 -3.26
C PRO A 337 9.35 5.21 -1.82
N LEU A 338 9.17 4.15 -1.03
CA LEU A 338 8.88 4.28 0.38
C LEU A 338 10.04 3.70 1.19
N TYR A 339 10.66 2.65 0.64
CA TYR A 339 11.85 2.05 1.23
C TYR A 339 13.06 2.97 1.16
N VAL A 340 13.23 3.62 0.01
CA VAL A 340 14.51 4.23 -0.34
C VAL A 340 14.63 5.70 0.03
N VAL A 341 13.52 6.31 0.41
CA VAL A 341 13.53 7.72 0.75
C VAL A 341 13.67 7.90 2.26
N LYS A 342 14.38 8.97 2.65
CA LYS A 342 14.54 9.33 4.06
C LYS A 342 13.18 9.55 4.71
N GLN A 343 12.86 8.73 5.72
CA GLN A 343 11.54 8.78 6.33
C GLN A 343 11.58 9.17 7.81
N THR A 344 12.77 9.54 8.29
CA THR A 344 12.92 10.03 9.65
C THR A 344 13.40 11.48 9.66
N ILE A 345 12.93 12.25 10.62
CA ILE A 345 13.39 13.63 10.80
C ILE A 345 13.34 14.03 12.27
N PHE A 346 14.40 14.70 12.74
CA PHE A 346 14.44 15.21 14.10
C PHE A 346 13.81 16.59 14.16
N ILE A 347 12.80 16.74 15.01
CA ILE A 347 12.14 18.03 15.20
C ILE A 347 12.59 18.66 16.52
N PRO A 348 13.44 19.68 16.44
CA PRO A 348 14.05 20.35 17.61
C PRO A 348 13.05 20.81 18.65
N ALA A 349 11.96 21.46 18.21
CA ALA A 349 10.97 21.99 19.13
C ALA A 349 10.23 20.89 19.90
N LEU A 350 10.13 19.72 19.28
CA LEU A 350 9.41 18.61 19.89
C LEU A 350 10.35 17.61 20.55
N GLN A 351 11.64 17.72 20.22
CA GLN A 351 12.67 16.85 20.79
C GLN A 351 12.39 15.38 20.51
N ILE A 352 11.77 15.13 19.36
CA ILE A 352 11.44 13.76 18.96
C ILE A 352 11.90 13.49 17.52
N THR A 353 12.08 12.21 17.22
CA THR A 353 12.41 11.77 15.88
C THR A 353 11.23 11.00 15.29
N THR A 354 10.50 11.62 14.37
CA THR A 354 9.29 11.01 13.82
C THR A 354 9.59 10.04 12.68
N CYS A 355 8.84 8.94 12.67
CA CYS A 355 8.94 7.95 11.60
C CYS A 355 7.65 7.98 10.80
N HIS A 356 7.78 8.19 9.48
CA HIS A 356 6.64 8.22 8.56
C HIS A 356 5.71 9.42 8.74
N ASP A 357 5.38 9.75 9.99
CA ASP A 357 4.34 10.74 10.30
C ASP A 357 4.65 12.14 9.78
N VAL A 358 5.94 12.46 9.66
CA VAL A 358 6.37 13.74 9.13
C VAL A 358 7.27 13.52 7.93
N LEU A 359 7.01 14.22 6.84
CA LEU A 359 7.82 14.10 5.64
C LEU A 359 9.07 14.98 5.76
N PRO A 360 10.26 14.35 5.80
CA PRO A 360 11.52 15.07 6.02
C PRO A 360 11.86 16.06 4.91
N GLU A 361 11.42 15.74 3.70
CA GLU A 361 11.70 16.59 2.54
C GLU A 361 10.40 17.06 1.89
N GLN A 362 9.99 18.28 2.21
CA GLN A 362 8.73 18.82 1.72
C GLN A 362 8.74 19.10 0.21
N LEU A 363 9.87 18.86 -0.44
CA LEU A 363 9.98 19.10 -1.87
C LEU A 363 9.53 17.87 -2.67
N LEU A 364 9.36 16.75 -1.99
CA LEU A 364 8.97 15.51 -2.65
C LEU A 364 7.46 15.27 -2.58
N VAL A 365 6.71 16.26 -2.10
CA VAL A 365 5.26 16.12 -1.96
C VAL A 365 4.60 15.95 -3.32
N GLY A 366 5.17 16.59 -4.34
CA GLY A 366 4.67 16.46 -5.70
C GLY A 366 4.75 15.02 -6.17
N ASP A 367 5.87 14.36 -5.87
CA ASP A 367 6.05 12.96 -6.22
C ASP A 367 5.15 12.07 -5.37
N MET A 368 5.04 12.39 -4.09
CA MET A 368 4.22 11.62 -3.16
C MET A 368 2.74 11.66 -3.54
N PHE A 369 2.25 12.82 -3.97
CA PHE A 369 0.85 12.96 -4.34
C PHE A 369 0.47 12.04 -5.50
N ASN A 370 1.18 12.17 -6.61
CA ASN A 370 0.92 11.34 -7.79
C ASN A 370 1.01 9.86 -7.44
N TYR A 371 2.01 9.51 -6.65
CA TYR A 371 2.24 8.13 -6.24
C TYR A 371 1.02 7.52 -5.54
N PHE A 372 0.50 8.20 -4.52
CA PHE A 372 -0.63 7.65 -3.77
C PHE A 372 -1.96 7.83 -4.51
N LEU A 373 -1.96 8.67 -5.55
CA LEU A 373 -3.14 8.79 -6.40
C LEU A 373 -3.16 7.65 -7.43
N SER A 374 -1.98 7.21 -7.84
CA SER A 374 -1.86 6.07 -8.74
C SER A 374 -2.36 4.81 -8.06
N LEU A 375 -1.89 4.60 -6.84
CA LEU A 375 -2.25 3.42 -6.06
C LEU A 375 -3.73 3.41 -5.69
N ALA A 376 -4.27 4.59 -5.38
CA ALA A 376 -5.67 4.71 -4.96
C ALA A 376 -6.62 4.36 -6.10
N ILE A 377 -6.14 4.47 -7.32
CA ILE A 377 -6.95 4.14 -8.49
C ILE A 377 -6.71 2.69 -8.92
N GLY A 378 -5.46 2.38 -9.24
CA GLY A 378 -5.13 1.08 -9.80
C GLY A 378 -5.02 -0.07 -8.82
N VAL A 379 -4.75 0.23 -7.56
CA VAL A 379 -4.60 -0.83 -6.55
C VAL A 379 -5.67 -0.71 -5.47
N PHE A 380 -6.61 0.20 -5.64
CA PHE A 380 -7.69 0.33 -4.69
C PHE A 380 -9.06 0.26 -5.36
N LEU A 381 -9.38 1.26 -6.18
CA LEU A 381 -10.66 1.30 -6.87
C LEU A 381 -10.85 0.11 -7.82
N PHE A 382 -9.86 -0.10 -8.68
CA PHE A 382 -9.93 -1.16 -9.65
C PHE A 382 -10.08 -2.54 -9.00
N PRO A 383 -9.28 -2.85 -7.95
CA PRO A 383 -9.56 -4.11 -7.27
C PRO A 383 -10.87 -4.10 -6.48
N ALA A 384 -11.34 -2.93 -6.08
CA ALA A 384 -12.61 -2.84 -5.36
C ALA A 384 -13.76 -3.13 -6.30
N PHE A 385 -13.63 -2.67 -7.54
CA PHE A 385 -14.63 -2.90 -8.56
C PHE A 385 -14.73 -4.38 -8.90
N LEU A 386 -13.58 -5.05 -9.00
CA LEU A 386 -13.54 -6.47 -9.30
C LEU A 386 -13.99 -7.30 -8.11
N THR A 387 -13.80 -6.75 -6.91
CA THR A 387 -14.14 -7.46 -5.68
C THR A 387 -15.64 -7.43 -5.42
N ALA A 388 -16.24 -6.26 -5.59
CA ALA A 388 -17.67 -6.09 -5.36
C ALA A 388 -18.50 -6.90 -6.35
N SER A 389 -18.18 -6.77 -7.63
CA SER A 389 -18.93 -7.46 -8.68
C SER A 389 -18.75 -8.97 -8.60
N ALA A 390 -17.66 -9.41 -7.99
CA ALA A 390 -17.44 -10.85 -7.81
C ALA A 390 -18.51 -11.42 -6.89
N TYR A 391 -18.79 -10.72 -5.80
CA TYR A 391 -19.84 -11.15 -4.88
C TYR A 391 -21.22 -10.97 -5.49
N VAL A 392 -21.35 -10.04 -6.44
CA VAL A 392 -22.60 -9.86 -7.15
C VAL A 392 -22.97 -11.13 -7.93
N LEU A 393 -21.99 -11.67 -8.64
CA LEU A 393 -22.21 -12.89 -9.40
C LEU A 393 -22.27 -14.12 -8.49
N MET A 394 -21.48 -14.08 -7.42
CA MET A 394 -21.39 -15.22 -6.52
C MET A 394 -22.70 -15.44 -5.75
N ILE A 395 -23.20 -14.37 -5.14
CA ILE A 395 -24.41 -14.44 -4.34
C ILE A 395 -25.63 -14.83 -5.17
N ARG A 396 -25.81 -14.18 -6.32
CA ARG A 396 -26.93 -14.48 -7.20
C ARG A 396 -26.96 -15.94 -7.64
N ALA A 397 -25.80 -16.47 -8.02
CA ALA A 397 -25.71 -17.86 -8.44
C ALA A 397 -26.02 -18.82 -7.30
N LEU A 398 -25.63 -18.45 -6.09
CA LEU A 398 -25.91 -19.26 -4.91
C LEU A 398 -27.36 -19.09 -4.47
N ALA A 399 -27.95 -17.98 -4.89
CA ALA A 399 -29.35 -17.69 -4.60
C ALA A 399 -30.27 -18.43 -5.55
N ASP A 400 -29.83 -18.59 -6.80
CA ASP A 400 -30.61 -19.31 -7.80
C ASP A 400 -30.65 -20.80 -7.48
N LEU A 401 -29.49 -21.35 -7.12
CA LEU A 401 -29.42 -22.76 -6.74
C LEU A 401 -30.28 -23.02 -5.49
N GLU A 402 -30.34 -22.03 -4.60
CA GLU A 402 -31.19 -22.11 -3.42
C GLU A 402 -32.66 -22.16 -3.81
N ASP A 403 -33.06 -21.32 -4.76
CA ASP A 403 -34.45 -21.25 -5.21
C ASP A 403 -34.88 -22.53 -5.90
N ASN A 404 -33.96 -23.16 -6.62
CA ASN A 404 -34.24 -24.43 -7.28
C ASN A 404 -34.54 -25.53 -6.27
N TRP A 405 -33.67 -25.67 -5.27
CA TRP A 405 -33.83 -26.70 -4.25
C TRP A 405 -35.09 -26.45 -3.44
N GLU A 406 -35.49 -25.18 -3.34
CA GLU A 406 -36.68 -24.79 -2.60
C GLU A 406 -37.94 -25.03 -3.42
N THR A 407 -37.88 -24.69 -4.71
CA THR A 407 -39.00 -24.91 -5.61
C THR A 407 -39.27 -26.40 -5.76
N LEU A 408 -38.20 -27.20 -5.72
CA LEU A 408 -38.32 -28.65 -5.78
C LEU A 408 -39.14 -29.19 -4.60
N ASN A 409 -38.65 -28.91 -3.39
CA ASN A 409 -39.25 -29.44 -2.17
C ASN A 409 -40.67 -28.93 -1.92
N ASP A 410 -40.91 -27.66 -2.23
CA ASP A 410 -42.20 -27.04 -1.98
C ASP A 410 -43.28 -27.64 -2.87
N ASN A 411 -43.00 -27.73 -4.17
CA ASN A 411 -43.95 -28.28 -5.13
C ASN A 411 -44.19 -29.78 -4.92
N LEU A 412 -43.19 -30.45 -4.37
CA LEU A 412 -43.29 -31.88 -4.09
C LEU A 412 -44.16 -32.11 -2.85
N LYS A 413 -44.21 -31.11 -1.98
CA LYS A 413 -45.00 -31.18 -0.76
C LYS A 413 -46.45 -30.78 -1.06
N VAL A 414 -46.64 -30.08 -2.16
CA VAL A 414 -47.96 -29.65 -2.60
C VAL A 414 -48.75 -30.81 -3.18
N ILE A 415 -48.09 -31.64 -3.98
CA ILE A 415 -48.73 -32.78 -4.63
C ILE A 415 -49.39 -33.72 -3.62
N GLU A 416 -48.69 -33.96 -2.52
CA GLU A 416 -49.20 -34.84 -1.47
C GLU A 416 -50.36 -34.22 -0.69
N LYS A 417 -50.63 -32.94 -0.93
CA LYS A 417 -51.69 -32.23 -0.23
C LYS A 417 -52.68 -31.57 -1.19
N ALA A 418 -52.63 -31.99 -2.45
CA ALA A 418 -53.55 -31.46 -3.47
C ALA A 418 -54.56 -32.53 -3.86
N ASP A 419 -55.83 -32.12 -4.02
CA ASP A 419 -56.90 -33.05 -4.34
C ASP A 419 -57.31 -32.98 -5.81
N ASN A 420 -57.40 -31.77 -6.34
CA ASN A 420 -57.79 -31.57 -7.73
C ASN A 420 -56.67 -31.92 -8.71
N ALA A 421 -57.04 -32.25 -9.94
CA ALA A 421 -56.07 -32.62 -10.96
C ALA A 421 -55.26 -31.41 -11.45
N ALA A 422 -55.80 -30.22 -11.18
CA ALA A 422 -55.16 -28.98 -11.61
C ALA A 422 -53.86 -28.72 -10.85
N GLN A 423 -53.94 -28.76 -9.53
CA GLN A 423 -52.78 -28.47 -8.68
C GLN A 423 -51.69 -29.53 -8.83
N VAL A 424 -52.10 -30.76 -9.15
CA VAL A 424 -51.16 -31.85 -9.33
C VAL A 424 -50.31 -31.67 -10.59
N LYS A 425 -50.96 -31.48 -11.72
CA LYS A 425 -50.28 -31.26 -12.99
C LYS A 425 -49.42 -30.00 -12.93
N ASP A 426 -49.92 -28.99 -12.22
CA ASP A 426 -49.23 -27.71 -12.10
C ASP A 426 -47.94 -27.83 -11.30
N ALA A 427 -47.99 -28.55 -10.19
CA ALA A 427 -46.83 -28.69 -9.32
C ALA A 427 -45.76 -29.54 -9.99
N LEU A 428 -46.18 -30.55 -10.74
CA LEU A 428 -45.25 -31.40 -11.47
C LEU A 428 -44.47 -30.60 -12.51
N THR A 429 -45.17 -29.70 -13.19
CA THR A 429 -44.55 -28.92 -14.26
C THR A 429 -43.52 -27.94 -13.69
N LYS A 430 -43.87 -27.31 -12.56
CA LYS A 430 -42.98 -26.37 -11.89
C LYS A 430 -41.81 -27.10 -11.24
N MET A 431 -42.07 -28.30 -10.72
CA MET A 431 -41.02 -29.12 -10.13
C MET A 431 -40.05 -29.62 -11.21
N ARG A 432 -40.59 -29.87 -12.40
CA ARG A 432 -39.78 -30.33 -13.52
C ARG A 432 -38.74 -29.29 -13.93
N ALA A 433 -39.19 -28.06 -14.12
CA ALA A 433 -38.29 -26.98 -14.54
C ALA A 433 -37.29 -26.64 -13.44
N ALA A 434 -37.73 -26.79 -12.19
CA ALA A 434 -36.87 -26.51 -11.05
C ALA A 434 -35.70 -27.49 -10.99
N ALA A 435 -35.94 -28.73 -11.39
CA ALA A 435 -34.91 -29.76 -11.39
C ALA A 435 -34.01 -29.63 -12.62
N LEU A 436 -34.54 -29.06 -13.69
CA LEU A 436 -33.77 -28.87 -14.92
C LEU A 436 -32.77 -27.73 -14.77
N ASP A 437 -33.07 -26.78 -13.89
CA ASP A 437 -32.16 -25.67 -13.63
C ASP A 437 -31.08 -26.07 -12.63
N ALA A 438 -31.47 -26.84 -11.62
CA ALA A 438 -30.51 -27.30 -10.61
C ALA A 438 -29.54 -28.31 -11.21
N GLN A 439 -29.97 -28.94 -12.31
CA GLN A 439 -29.13 -29.90 -13.02
C GLN A 439 -27.94 -29.21 -13.67
N LYS A 440 -28.17 -28.00 -14.19
CA LYS A 440 -27.13 -27.24 -14.87
C LYS A 440 -26.22 -26.55 -13.86
N ALA A 441 -26.70 -26.44 -12.63
CA ALA A 441 -25.98 -25.72 -11.59
C ALA A 441 -24.93 -26.59 -10.90
N THR A 442 -23.93 -25.94 -10.31
CA THR A 442 -22.85 -26.64 -9.64
C THR A 442 -23.17 -26.91 -8.18
N PRO A 443 -23.18 -28.19 -7.78
CA PRO A 443 -23.46 -28.58 -6.40
C PRO A 443 -22.39 -28.08 -5.44
N PRO A 444 -22.78 -27.83 -4.18
CA PRO A 444 -21.89 -27.30 -3.13
C PRO A 444 -20.65 -28.16 -2.88
N LYS A 445 -20.77 -29.47 -3.08
CA LYS A 445 -19.68 -30.40 -2.81
C LYS A 445 -18.64 -30.42 -3.92
N LEU A 446 -19.11 -30.52 -5.16
CA LEU A 446 -18.23 -30.67 -6.31
C LEU A 446 -17.74 -29.34 -6.84
N GLU A 447 -17.00 -28.61 -6.02
CA GLU A 447 -16.52 -27.28 -6.38
C GLU A 447 -15.35 -27.32 -7.37
N ASP A 448 -14.31 -28.07 -7.01
CA ASP A 448 -13.13 -28.19 -7.86
C ASP A 448 -13.31 -29.29 -8.90
N LYS A 449 -14.51 -29.85 -8.99
CA LYS A 449 -14.82 -30.88 -9.98
C LYS A 449 -15.28 -30.26 -11.29
N SER A 450 -14.65 -30.68 -12.39
CA SER A 450 -14.99 -30.19 -13.72
C SER A 450 -16.39 -30.66 -14.12
N PRO A 451 -17.09 -29.86 -14.95
CA PRO A 451 -18.44 -30.24 -15.37
C PRO A 451 -18.48 -31.51 -16.23
N ASP A 452 -17.31 -31.98 -16.69
CA ASP A 452 -17.24 -33.21 -17.49
C ASP A 452 -16.76 -34.40 -16.66
N SER A 453 -16.55 -34.17 -15.37
CA SER A 453 -16.07 -35.23 -14.48
C SER A 453 -17.15 -36.28 -14.25
N PRO A 454 -16.75 -37.50 -13.84
CA PRO A 454 -17.71 -38.53 -13.47
C PRO A 454 -18.65 -38.09 -12.35
N GLU A 455 -18.10 -37.45 -11.32
CA GLU A 455 -18.88 -36.92 -10.21
C GLU A 455 -20.04 -36.03 -10.66
N MET A 456 -19.77 -35.15 -11.62
CA MET A 456 -20.80 -34.25 -12.15
C MET A 456 -21.81 -34.99 -13.02
N LYS A 457 -21.33 -36.01 -13.72
CA LYS A 457 -22.18 -36.79 -14.62
C LYS A 457 -23.15 -37.64 -13.82
N ASP A 458 -22.71 -38.12 -12.66
CA ASP A 458 -23.57 -38.85 -11.75
C ASP A 458 -24.59 -37.92 -11.11
N PHE A 459 -24.14 -36.70 -10.82
CA PHE A 459 -25.02 -35.66 -10.28
C PHE A 459 -26.16 -35.36 -11.24
N ARG A 460 -25.81 -35.07 -12.50
CA ARG A 460 -26.79 -34.75 -13.51
C ARG A 460 -27.70 -35.94 -13.82
N HIS A 461 -27.12 -37.14 -13.78
CA HIS A 461 -27.88 -38.36 -14.03
C HIS A 461 -28.94 -38.57 -12.95
N GLY A 462 -28.61 -38.15 -11.73
CA GLY A 462 -29.54 -38.24 -10.63
C GLY A 462 -30.81 -37.44 -10.91
N PHE A 463 -30.67 -36.37 -11.69
CA PHE A 463 -31.81 -35.57 -12.10
C PHE A 463 -32.54 -36.20 -13.28
N ASP A 464 -31.78 -36.82 -14.17
CA ASP A 464 -32.36 -37.51 -15.33
C ASP A 464 -33.31 -38.61 -14.89
N ILE A 465 -32.92 -39.32 -13.83
CA ILE A 465 -33.78 -40.36 -13.26
C ILE A 465 -35.01 -39.72 -12.64
N LEU A 466 -34.81 -38.61 -11.95
CA LEU A 466 -35.90 -37.88 -11.31
C LEU A 466 -36.84 -37.28 -12.34
N VAL A 467 -36.29 -36.58 -13.33
CA VAL A 467 -37.09 -35.92 -14.36
C VAL A 467 -37.95 -36.91 -15.13
N GLY A 468 -37.39 -38.06 -15.44
CA GLY A 468 -38.11 -39.11 -16.14
C GLY A 468 -39.32 -39.57 -15.34
N GLN A 469 -39.14 -39.68 -14.03
CA GLN A 469 -40.23 -40.07 -13.14
C GLN A 469 -41.30 -38.99 -13.06
N ILE A 470 -40.88 -37.73 -13.20
CA ILE A 470 -41.82 -36.62 -13.22
C ILE A 470 -42.69 -36.70 -14.47
N ASP A 471 -42.09 -37.17 -15.57
CA ASP A 471 -42.82 -37.35 -16.82
C ASP A 471 -43.79 -38.52 -16.72
N ASP A 472 -43.47 -39.50 -15.86
CA ASP A 472 -44.34 -40.65 -15.65
C ASP A 472 -45.54 -40.28 -14.78
N ALA A 473 -45.37 -39.25 -13.97
CA ALA A 473 -46.47 -38.73 -13.17
C ALA A 473 -47.29 -37.73 -13.98
N LEU A 474 -46.61 -37.02 -14.87
CA LEU A 474 -47.28 -36.13 -15.81
C LEU A 474 -48.08 -36.93 -16.83
N LYS A 475 -47.56 -38.11 -17.17
CA LYS A 475 -48.25 -39.01 -18.09
C LYS A 475 -49.59 -39.40 -17.50
N LEU A 476 -49.63 -39.58 -16.19
CA LEU A 476 -50.86 -39.92 -15.50
C LEU A 476 -51.72 -38.68 -15.28
N ALA A 477 -51.07 -37.56 -14.99
CA ALA A 477 -51.79 -36.31 -14.75
C ALA A 477 -52.46 -35.80 -16.02
N ASN A 478 -51.86 -36.10 -17.17
CA ASN A 478 -52.43 -35.67 -18.45
C ASN A 478 -53.45 -36.67 -18.96
N GLU A 479 -53.40 -37.90 -18.45
CA GLU A 479 -54.37 -38.93 -18.81
C GLU A 479 -55.52 -38.99 -17.81
N GLY A 480 -55.70 -37.92 -17.05
CA GLY A 480 -56.83 -37.82 -16.14
C GLY A 480 -56.75 -38.65 -14.88
N LYS A 481 -55.71 -39.48 -14.77
CA LYS A 481 -55.53 -40.33 -13.61
C LYS A 481 -54.99 -39.53 -12.43
N VAL A 482 -55.90 -38.85 -11.73
CA VAL A 482 -55.54 -37.93 -10.66
C VAL A 482 -54.79 -38.60 -9.50
N LYS A 483 -55.49 -39.47 -8.77
CA LYS A 483 -54.95 -40.08 -7.56
C LYS A 483 -53.71 -40.91 -7.83
N GLU A 484 -53.60 -41.46 -9.04
CA GLU A 484 -52.48 -42.32 -9.41
C GLU A 484 -51.20 -41.52 -9.60
N ALA A 485 -51.35 -40.25 -9.95
CA ALA A 485 -50.20 -39.36 -10.11
C ALA A 485 -49.70 -38.88 -8.75
N GLN A 486 -50.61 -38.81 -7.78
CA GLN A 486 -50.24 -38.43 -6.41
C GLN A 486 -49.36 -39.51 -5.78
N ALA A 487 -49.68 -40.77 -6.06
CA ALA A 487 -48.90 -41.89 -5.54
C ALA A 487 -47.46 -41.85 -6.07
N ALA A 488 -47.29 -41.26 -7.24
CA ALA A 488 -45.97 -41.14 -7.85
C ALA A 488 -45.09 -40.16 -7.09
N ALA A 489 -45.71 -39.25 -6.34
CA ALA A 489 -44.99 -38.25 -5.57
C ALA A 489 -44.12 -38.88 -4.48
N GLU A 490 -44.63 -39.94 -3.87
CA GLU A 490 -43.87 -40.66 -2.86
C GLU A 490 -42.65 -41.35 -3.47
N GLN A 491 -42.79 -41.73 -4.74
CA GLN A 491 -41.69 -42.29 -5.50
C GLN A 491 -40.64 -41.22 -5.77
N LEU A 492 -41.11 -39.99 -5.95
CA LEU A 492 -40.24 -38.85 -6.19
C LEU A 492 -39.49 -38.47 -4.92
N LYS A 493 -40.11 -38.74 -3.77
CA LYS A 493 -39.48 -38.47 -2.49
C LYS A 493 -38.25 -39.35 -2.32
N THR A 494 -38.39 -40.62 -2.68
CA THR A 494 -37.31 -41.59 -2.59
C THR A 494 -36.13 -41.17 -3.46
N THR A 495 -36.43 -40.75 -4.68
CA THR A 495 -35.40 -40.29 -5.62
C THR A 495 -34.71 -39.03 -5.12
N ARG A 496 -35.44 -38.19 -4.39
CA ARG A 496 -34.88 -36.96 -3.83
C ARG A 496 -33.79 -37.26 -2.80
N ASN A 497 -34.13 -38.09 -1.82
CA ASN A 497 -33.20 -38.39 -0.74
C ASN A 497 -32.02 -39.24 -1.17
N ALA A 498 -32.21 -40.03 -2.22
CA ALA A 498 -31.18 -40.96 -2.68
C ALA A 498 -30.12 -40.30 -3.55
N TYR A 499 -30.56 -39.50 -4.53
CA TYR A 499 -29.66 -38.99 -5.55
C TYR A 499 -29.45 -37.48 -5.51
N ILE A 500 -30.41 -36.76 -4.95
CA ILE A 500 -30.40 -35.30 -5.02
C ILE A 500 -30.06 -34.62 -3.69
N GLN A 501 -30.77 -35.00 -2.64
CA GLN A 501 -30.65 -34.34 -1.34
C GLN A 501 -29.23 -34.42 -0.77
N LYS A 502 -28.52 -35.47 -1.13
CA LYS A 502 -27.12 -35.63 -0.73
C LYS A 502 -26.27 -34.43 -1.18
N TYR A 503 -26.59 -33.90 -2.35
CA TYR A 503 -25.81 -32.81 -2.94
C TYR A 503 -26.29 -31.43 -2.52
N LEU A 504 -27.61 -31.23 -2.44
CA LEU A 504 -28.16 -29.91 -2.16
C LEU A 504 -28.67 -29.75 -0.72
N GLU A 505 -28.21 -30.64 0.17
CA GLU A 505 -28.64 -30.63 1.57
C GLU A 505 -28.35 -29.29 2.25
N ASN A 506 -27.11 -28.82 2.13
CA ASN A 506 -26.70 -27.57 2.76
C ASN A 506 -26.23 -26.53 1.75
N SER A 507 -27.12 -26.16 0.84
CA SER A 507 -26.83 -25.12 -0.14
C SER A 507 -27.35 -23.78 0.35
N GLU A 508 -28.33 -23.83 1.25
CA GLU A 508 -28.89 -22.62 1.83
C GLU A 508 -27.97 -22.10 2.93
N LYS A 509 -27.25 -23.02 3.56
CA LYS A 509 -26.25 -22.67 4.57
C LYS A 509 -25.03 -22.05 3.89
N LYS A 510 -24.75 -22.47 2.65
CA LYS A 510 -23.63 -21.94 1.89
C LYS A 510 -23.90 -20.53 1.38
N ARG A 511 -25.16 -20.26 1.06
CA ARG A 511 -25.58 -18.93 0.68
C ARG A 511 -25.40 -17.92 1.82
N LYS A 512 -25.73 -18.36 3.04
CA LYS A 512 -25.62 -17.49 4.21
C LYS A 512 -24.17 -17.12 4.51
N ARG A 513 -23.25 -18.06 4.27
CA ARG A 513 -21.83 -17.83 4.49
C ARG A 513 -21.26 -16.81 3.49
N ALA A 514 -21.77 -16.84 2.27
CA ALA A 514 -21.30 -15.93 1.24
C ALA A 514 -21.73 -14.51 1.55
N ILE A 515 -22.95 -14.36 2.05
CA ILE A 515 -23.48 -13.05 2.40
C ILE A 515 -22.68 -12.43 3.55
N LYS A 516 -22.48 -13.21 4.61
CA LYS A 516 -21.68 -12.77 5.75
C LYS A 516 -20.25 -12.41 5.30
N LEU A 517 -19.75 -13.14 4.31
CA LEU A 517 -18.44 -12.85 3.75
C LEU A 517 -18.46 -11.51 3.03
N ALA A 518 -19.52 -11.26 2.26
CA ALA A 518 -19.69 -9.98 1.58
C ALA A 518 -19.82 -8.84 2.58
N VAL A 519 -20.46 -9.10 3.72
CA VAL A 519 -20.58 -8.08 4.75
C VAL A 519 -19.21 -7.82 5.37
N THR A 520 -18.52 -8.92 5.70
CA THR A 520 -17.19 -8.85 6.28
C THR A 520 -16.24 -8.01 5.43
N VAL A 521 -16.24 -8.28 4.13
CA VAL A 521 -15.33 -7.60 3.21
C VAL A 521 -15.70 -6.12 3.05
N ALA A 522 -17.00 -5.85 2.95
CA ALA A 522 -17.49 -4.48 2.83
C ALA A 522 -17.07 -3.62 4.03
N ALA A 523 -17.13 -4.21 5.22
CA ALA A 523 -16.74 -3.51 6.43
C ALA A 523 -15.25 -3.20 6.40
N MET A 524 -14.49 -4.16 5.88
CA MET A 524 -13.04 -4.01 5.77
C MET A 524 -12.70 -2.87 4.81
N TYR A 525 -13.48 -2.74 3.75
CA TYR A 525 -13.28 -1.65 2.81
C TYR A 525 -13.73 -0.32 3.41
N LEU A 526 -14.84 -0.37 4.14
CA LEU A 526 -15.45 0.83 4.71
C LEU A 526 -14.61 1.42 5.84
N ILE A 527 -13.88 0.55 6.53
CA ILE A 527 -13.12 0.98 7.71
C ILE A 527 -11.62 1.09 7.42
N CYS A 528 -11.07 0.10 6.73
CA CYS A 528 -9.62 -0.01 6.60
C CYS A 528 -9.04 0.50 5.28
N PHE A 529 -9.78 0.38 4.19
CA PHE A 529 -9.23 0.69 2.88
C PHE A 529 -9.65 2.06 2.36
N THR A 530 -10.96 2.33 2.40
CA THR A 530 -11.48 3.60 1.86
C THR A 530 -11.05 4.84 2.64
N PRO A 531 -11.11 4.81 3.99
CA PRO A 531 -10.66 6.03 4.67
C PRO A 531 -9.17 6.31 4.45
N SER A 532 -8.39 5.25 4.30
CA SER A 532 -6.94 5.40 4.16
C SER A 532 -6.54 5.94 2.79
N ASN A 533 -6.96 5.25 1.74
CA ASN A 533 -6.56 5.63 0.38
C ASN A 533 -7.11 6.98 -0.04
N LEU A 534 -8.34 7.28 0.39
CA LEU A 534 -8.96 8.56 0.09
C LEU A 534 -8.18 9.71 0.73
N LEU A 535 -7.89 9.57 2.03
CA LEU A 535 -7.20 10.61 2.77
C LEU A 535 -5.72 10.72 2.39
N LEU A 536 -5.11 9.59 2.00
CA LEU A 536 -3.72 9.60 1.55
C LEU A 536 -3.56 10.56 0.38
N VAL A 537 -4.55 10.56 -0.51
CA VAL A 537 -4.57 11.50 -1.62
C VAL A 537 -4.84 12.91 -1.11
N VAL A 538 -5.82 13.04 -0.23
CA VAL A 538 -6.22 14.34 0.31
C VAL A 538 -5.09 14.99 1.11
N HIS A 539 -4.44 14.19 1.96
CA HIS A 539 -3.33 14.68 2.79
C HIS A 539 -2.22 15.31 1.96
N TYR A 540 -1.66 14.56 1.02
CA TYR A 540 -0.54 15.06 0.22
C TYR A 540 -1.00 16.10 -0.78
N PHE A 541 -2.29 16.16 -1.07
CA PHE A 541 -2.82 17.18 -1.97
C PHE A 541 -2.79 18.55 -1.31
N LEU A 542 -3.05 18.59 -0.02
CA LEU A 542 -3.07 19.87 0.70
C LEU A 542 -1.66 20.36 0.97
N ILE A 543 -0.76 19.44 1.29
CA ILE A 543 0.64 19.77 1.52
C ILE A 543 1.27 20.29 0.23
N LYS A 544 0.78 19.77 -0.89
CA LYS A 544 1.23 20.21 -2.21
C LYS A 544 0.67 21.58 -2.55
N SER A 545 -0.51 21.88 -2.02
CA SER A 545 -1.23 23.09 -2.40
C SER A 545 -1.02 24.23 -1.42
N GLN A 546 -0.87 23.91 -0.13
CA GLN A 546 -0.74 24.94 0.89
C GLN A 546 0.43 24.71 1.85
N GLY A 547 0.99 23.51 1.84
CA GLY A 547 2.11 23.19 2.69
C GLY A 547 1.70 22.59 4.02
N GLN A 548 0.39 22.53 4.27
CA GLN A 548 -0.14 21.92 5.47
C GLN A 548 -1.52 21.32 5.17
N SER A 549 -1.90 20.30 5.94
CA SER A 549 -3.21 19.69 5.77
C SER A 549 -3.96 19.59 7.10
N HIS A 550 -5.20 20.08 7.10
CA HIS A 550 -6.03 20.03 8.30
C HIS A 550 -6.61 18.63 8.51
N VAL A 551 -6.48 17.78 7.50
CA VAL A 551 -6.96 16.41 7.61
C VAL A 551 -5.88 15.51 8.20
N TYR A 552 -4.84 16.13 8.77
CA TYR A 552 -3.73 15.39 9.34
C TYR A 552 -4.18 14.46 10.45
N ALA A 553 -5.14 14.90 11.27
CA ALA A 553 -5.67 14.08 12.35
C ALA A 553 -6.49 12.92 11.80
N LEU A 554 -7.28 13.20 10.78
CA LEU A 554 -8.10 12.17 10.14
C LEU A 554 -7.20 11.17 9.41
N TYR A 555 -6.12 11.70 8.84
CA TYR A 555 -5.11 10.88 8.16
C TYR A 555 -4.48 9.88 9.11
N ILE A 556 -4.29 10.29 10.36
CA ILE A 556 -3.68 9.45 11.38
C ILE A 556 -4.65 8.38 11.88
N VAL A 557 -5.87 8.80 12.16
CA VAL A 557 -6.93 7.89 12.57
C VAL A 557 -7.21 6.88 11.45
N ALA A 558 -7.17 7.36 10.22
CA ALA A 558 -7.39 6.50 9.06
C ALA A 558 -6.35 5.40 8.99
N LEU A 559 -5.08 5.79 9.12
CA LEU A 559 -3.97 4.85 9.05
C LEU A 559 -4.03 3.85 10.20
N CYS A 560 -4.55 4.29 11.33
CA CYS A 560 -4.67 3.43 12.50
C CYS A 560 -5.76 2.38 12.31
N LEU A 561 -6.94 2.83 11.88
CA LEU A 561 -8.07 1.92 11.66
C LEU A 561 -7.81 0.98 10.50
N SER A 562 -6.84 1.32 9.64
CA SER A 562 -6.53 0.47 8.50
C SER A 562 -5.89 -0.83 8.95
N THR A 563 -5.24 -0.80 10.12
CA THR A 563 -4.56 -1.98 10.63
C THR A 563 -5.55 -3.00 11.19
N LEU A 564 -6.82 -2.62 11.27
CA LEU A 564 -7.85 -3.50 11.78
C LEU A 564 -8.16 -4.64 10.80
N ASN A 565 -7.76 -4.46 9.55
CA ASN A 565 -8.02 -5.47 8.52
C ASN A 565 -7.49 -6.84 8.93
N SER A 566 -6.37 -6.87 9.64
CA SER A 566 -5.79 -8.13 10.09
C SER A 566 -6.57 -8.71 11.28
N CYS A 567 -7.47 -7.91 11.85
CA CYS A 567 -8.39 -8.38 12.88
C CYS A 567 -9.70 -8.84 12.25
N ILE A 568 -9.98 -8.35 11.05
CA ILE A 568 -11.18 -8.74 10.33
C ILE A 568 -10.88 -9.94 9.44
N ASP A 569 -9.62 -10.07 9.05
CA ASP A 569 -9.17 -11.19 8.22
C ASP A 569 -9.50 -12.59 8.77
N PRO A 570 -9.44 -12.79 10.11
CA PRO A 570 -9.83 -14.13 10.58
C PRO A 570 -11.29 -14.49 10.28
N PHE A 571 -12.16 -13.48 10.22
CA PHE A 571 -13.57 -13.72 9.90
C PHE A 571 -13.72 -14.17 8.45
N VAL A 572 -12.79 -13.73 7.63
CA VAL A 572 -12.77 -14.11 6.22
C VAL A 572 -12.42 -15.57 6.06
N TYR A 573 -11.41 -16.02 6.80
CA TYR A 573 -10.97 -17.41 6.75
C TYR A 573 -12.07 -18.33 7.26
N TYR A 574 -12.85 -17.83 8.21
CA TYR A 574 -13.90 -18.62 8.85
C TYR A 574 -15.05 -18.92 7.89
N PHE A 575 -15.33 -17.98 6.98
CA PHE A 575 -16.44 -18.12 6.05
C PHE A 575 -16.02 -18.79 4.73
N VAL A 576 -14.72 -18.94 4.53
CA VAL A 576 -14.20 -19.56 3.32
C VAL A 576 -13.60 -20.95 3.61
N SER A 577 -12.62 -21.00 4.49
CA SER A 577 -11.96 -22.25 4.83
C SER A 577 -12.83 -23.08 5.76
N HIS A 578 -13.00 -24.35 5.42
CA HIS A 578 -13.78 -25.28 6.22
C HIS A 578 -12.91 -25.86 7.31
N ASP A 579 -11.63 -26.02 7.00
CA ASP A 579 -10.65 -26.54 7.95
C ASP A 579 -10.32 -25.52 9.05
N PHE A 580 -10.41 -24.24 8.71
CA PHE A 580 -10.13 -23.19 9.68
C PHE A 580 -11.21 -23.14 10.74
N ARG A 581 -12.45 -23.42 10.34
CA ARG A 581 -13.58 -23.45 11.27
C ARG A 581 -13.36 -24.49 12.37
N ASP A 582 -12.92 -25.68 11.99
CA ASP A 582 -12.67 -26.74 12.94
C ASP A 582 -11.66 -26.32 14.02
N HIS A 583 -10.55 -25.73 13.58
CA HIS A 583 -9.52 -25.30 14.52
C HIS A 583 -9.96 -24.05 15.28
N ALA A 584 -10.89 -23.30 14.69
CA ALA A 584 -11.44 -22.12 15.35
C ALA A 584 -12.41 -22.54 16.45
N LYS A 585 -13.27 -23.50 16.13
CA LYS A 585 -14.28 -23.96 17.09
C LYS A 585 -13.67 -24.77 18.22
N ASN A 586 -12.75 -25.67 17.89
CA ASN A 586 -12.10 -26.51 18.90
C ASN A 586 -11.31 -25.70 19.93
N ALA A 587 -10.69 -24.63 19.47
CA ALA A 587 -9.90 -23.76 20.34
C ALA A 587 -10.80 -23.06 21.35
N LEU A 588 -11.99 -22.66 20.92
CA LEU A 588 -12.95 -22.00 21.79
C LEU A 588 -14.36 -22.54 21.57
#